data_2BJF
#
_entry.id   2BJF
#
_cell.length_a   88.848
_cell.length_b   90.835
_cell.length_c   188.547
_cell.angle_alpha   90.00
_cell.angle_beta   90.00
_cell.angle_gamma   90.00
#
_symmetry.space_group_name_H-M   'F 2 2 2'
#
loop_
_entity.id
_entity.type
_entity.pdbx_description
1 polymer 'CHOLOYLGLYCINE HYDROLASE'
2 non-polymer '(3ALPHA,5BETA,12ALPHA)-3,12-DIHYDROXYCHOLAN-24-OIC ACID'
3 non-polymer '2-AMINOETHANESULFONIC ACID'
4 non-polymer GLYCEROL
5 water water
#
_entity_poly.entity_id   1
_entity_poly.type   'polypeptide(L)'
_entity_poly.pdbx_seq_one_letter_code
;MCTGLALETKDGLHLFGRNMDIEYSFNQSIIFIPRNFKCVNKSNKKELTTKYAVLGMGTIFDDYPTFADGMNEKGLGCAG
LNFPVYVSYSKEDIEGKTNIPVYNFLLWVLANFSSVEEVKEALKNANIVDIPISENIPNTTLHWMISDITGKSIVVEQTK
EKLNVFDNNIGVLTNSPTFDWHVANLNQYVGLRYNQVPEFKLGDQSLTALGQGTGLVGLPGDFTPASRFIRVAFLRDAMI
KNDKDSIDLIEFFHILNNVAMVRGSTRTVEEKSDLTQYTSCMCLEKGIYYYNTYENNQINAIDMNKENLDGNEIKTYKYN
KTLSINHVN
;
_entity_poly.pdbx_strand_id   A
#
# COMPACT_ATOMS: atom_id res chain seq x y z
N CYS A 2 4.16 -0.26 -7.30
CA CYS A 2 3.21 0.10 -6.21
C CYS A 2 3.81 1.16 -5.31
N THR A 3 2.96 2.00 -4.73
CA THR A 3 3.39 2.98 -3.75
C THR A 3 2.39 3.02 -2.60
N GLY A 4 2.90 2.78 -1.39
CA GLY A 4 2.11 2.87 -0.17
C GLY A 4 2.32 4.21 0.52
N LEU A 5 1.27 4.71 1.16
CA LEU A 5 1.32 6.03 1.79
C LEU A 5 0.47 6.07 3.06
N ALA A 6 1.04 6.65 4.12
CA ALA A 6 0.30 6.96 5.35
C ALA A 6 0.35 8.45 5.59
N LEU A 7 -0.80 9.05 5.89
CA LEU A 7 -0.92 10.49 6.02
C LEU A 7 -1.98 10.88 7.05
N GLU A 8 -1.61 11.76 7.97
CA GLU A 8 -2.56 12.27 8.98
C GLU A 8 -3.23 13.55 8.50
N THR A 9 -4.55 13.61 8.64
CA THR A 9 -5.33 14.76 8.20
C THR A 9 -5.28 15.91 9.21
N LYS A 10 -5.77 17.06 8.79
CA LYS A 10 -5.86 18.26 9.64
C LYS A 10 -6.68 18.07 10.91
N ASP A 11 -7.63 17.12 10.88
N ASP A 11 -7.66 17.15 10.87
CA ASP A 11 -8.51 16.84 12.00
CA ASP A 11 -8.50 16.86 12.03
C ASP A 11 -7.97 15.74 12.92
C ASP A 11 -8.08 15.57 12.75
N GLY A 12 -6.82 15.18 12.55
CA GLY A 12 -6.21 14.09 13.33
C GLY A 12 -6.60 12.69 12.93
N LEU A 13 -7.24 12.55 11.78
CA LEU A 13 -7.60 11.23 11.25
C LEU A 13 -6.43 10.65 10.46
N HIS A 14 -6.40 9.33 10.35
CA HIS A 14 -5.28 8.65 9.71
C HIS A 14 -5.67 7.95 8.42
N LEU A 15 -5.06 8.41 7.33
CA LEU A 15 -5.28 7.83 6.01
C LEU A 15 -4.15 6.87 5.67
N PHE A 16 -4.50 5.73 5.09
CA PHE A 16 -3.54 4.73 4.66
C PHE A 16 -4.04 4.07 3.38
N GLY A 17 -3.16 3.94 2.40
CA GLY A 17 -3.54 3.36 1.11
C GLY A 17 -2.39 3.20 0.15
N ARG A 18 -2.71 3.02 -1.13
CA ARG A 18 -1.70 2.65 -2.12
C ARG A 18 -2.11 2.86 -3.57
N ASN A 19 -1.11 3.05 -4.41
CA ASN A 19 -1.23 2.83 -5.85
C ASN A 19 -1.02 1.35 -6.13
N MET A 20 -1.89 0.77 -6.94
CA MET A 20 -1.70 -0.59 -7.44
C MET A 20 -1.13 -0.52 -8.85
N ASP A 21 0.15 -0.88 -8.98
CA ASP A 21 0.84 -0.81 -10.27
C ASP A 21 1.06 -2.19 -10.86
N ILE A 22 0.17 -2.59 -11.77
CA ILE A 22 0.24 -3.87 -12.47
C ILE A 22 -0.24 -3.74 -13.91
N GLU A 23 0.13 -4.70 -14.76
CA GLU A 23 -0.24 -4.68 -16.18
C GLU A 23 -1.43 -5.60 -16.49
N TYR A 24 -2.07 -6.10 -15.44
CA TYR A 24 -3.15 -7.08 -15.57
C TYR A 24 -4.29 -6.81 -14.59
N SER A 25 -5.41 -7.48 -14.81
CA SER A 25 -6.53 -7.50 -13.86
C SER A 25 -6.42 -8.76 -13.01
N PHE A 26 -6.68 -8.63 -11.71
CA PHE A 26 -6.74 -9.80 -10.84
C PHE A 26 -8.16 -10.13 -10.37
N ASN A 27 -9.13 -9.89 -11.25
CA ASN A 27 -10.55 -10.10 -10.97
C ASN A 27 -10.95 -9.50 -9.62
N GLN A 28 -10.49 -8.27 -9.38
CA GLN A 28 -10.64 -7.63 -8.08
C GLN A 28 -12.06 -7.13 -7.81
N SER A 29 -12.42 -7.17 -6.54
CA SER A 29 -13.61 -6.51 -6.03
C SER A 29 -13.27 -6.01 -4.63
N ILE A 30 -14.11 -5.15 -4.09
CA ILE A 30 -13.96 -4.71 -2.71
C ILE A 30 -14.71 -5.72 -1.84
N ILE A 31 -13.96 -6.38 -0.95
CA ILE A 31 -14.47 -7.51 -0.18
C ILE A 31 -14.66 -7.15 1.29
N PHE A 32 -15.86 -7.42 1.80
CA PHE A 32 -16.18 -7.27 3.22
C PHE A 32 -16.35 -8.65 3.85
N ILE A 33 -15.63 -8.89 4.95
CA ILE A 33 -15.77 -10.11 5.72
C ILE A 33 -16.17 -9.76 7.16
N PRO A 34 -17.32 -10.28 7.62
CA PRO A 34 -17.78 -10.00 8.98
C PRO A 34 -16.97 -10.75 10.05
N ARG A 35 -17.26 -10.45 11.32
CA ARG A 35 -16.65 -11.16 12.45
C ARG A 35 -17.04 -12.63 12.45
N ASN A 36 -16.19 -13.46 13.04
N ASN A 36 -16.18 -13.46 13.04
CA ASN A 36 -16.47 -14.89 13.24
CA ASN A 36 -16.44 -14.89 13.24
C ASN A 36 -16.80 -15.65 11.94
C ASN A 36 -16.76 -15.67 11.96
N PHE A 37 -16.17 -15.24 10.84
CA PHE A 37 -16.37 -15.90 9.56
C PHE A 37 -15.21 -16.85 9.25
N LYS A 38 -15.55 -18.11 9.02
CA LYS A 38 -14.56 -19.15 8.74
C LYS A 38 -14.23 -19.21 7.26
N CYS A 39 -12.97 -18.88 6.94
CA CYS A 39 -12.45 -18.97 5.58
C CYS A 39 -11.69 -20.28 5.42
N VAL A 40 -12.15 -21.12 4.50
CA VAL A 40 -11.54 -22.43 4.28
C VAL A 40 -10.90 -22.52 2.88
N ASN A 41 -9.61 -22.83 2.86
CA ASN A 41 -8.90 -23.09 1.60
C ASN A 41 -9.12 -24.54 1.20
N LYS A 42 -9.75 -24.75 0.06
CA LYS A 42 -10.16 -26.09 -0.38
C LYS A 42 -8.99 -26.99 -0.79
N SER A 43 -7.93 -26.40 -1.31
CA SER A 43 -6.77 -27.16 -1.80
C SER A 43 -5.91 -27.75 -0.69
N ASN A 44 -5.66 -26.97 0.37
CA ASN A 44 -4.79 -27.41 1.47
C ASN A 44 -5.50 -27.55 2.83
N LYS A 45 -6.82 -27.33 2.83
CA LYS A 45 -7.67 -27.50 4.02
C LYS A 45 -7.38 -26.54 5.19
N LYS A 46 -6.48 -25.58 4.96
CA LYS A 46 -6.13 -24.59 5.98
C LYS A 46 -7.30 -23.63 6.22
N GLU A 47 -7.50 -23.28 7.49
CA GLU A 47 -8.66 -22.47 7.89
C GLU A 47 -8.26 -21.20 8.64
N LEU A 48 -9.07 -20.15 8.46
CA LEU A 48 -8.93 -18.91 9.21
C LEU A 48 -10.30 -18.38 9.59
N THR A 49 -10.51 -18.16 10.88
CA THR A 49 -11.75 -17.56 11.36
C THR A 49 -11.46 -16.15 11.87
N THR A 50 -12.13 -15.17 11.27
CA THR A 50 -11.90 -13.76 11.60
C THR A 50 -12.32 -13.43 13.02
N LYS A 51 -11.47 -12.68 13.72
CA LYS A 51 -11.83 -12.09 15.00
C LYS A 51 -12.48 -10.73 14.75
N TYR A 52 -11.85 -9.96 13.86
CA TYR A 52 -12.34 -8.64 13.49
C TYR A 52 -12.87 -8.63 12.06
N ALA A 53 -13.87 -7.78 11.81
CA ALA A 53 -14.40 -7.57 10.47
C ALA A 53 -13.37 -6.87 9.59
N VAL A 54 -13.37 -7.23 8.31
CA VAL A 54 -12.34 -6.78 7.36
C VAL A 54 -12.99 -6.16 6.11
N LEU A 55 -12.38 -5.09 5.60
CA LEU A 55 -12.78 -4.50 4.33
C LEU A 55 -11.55 -4.11 3.52
N GLY A 56 -11.52 -4.51 2.25
CA GLY A 56 -10.43 -4.13 1.35
C GLY A 56 -10.55 -4.67 -0.06
N MET A 57 -9.57 -4.30 -0.89
CA MET A 57 -9.52 -4.79 -2.27
C MET A 57 -8.88 -6.17 -2.30
N GLY A 58 -9.50 -7.09 -3.01
CA GLY A 58 -8.94 -8.42 -3.18
C GLY A 58 -9.69 -9.21 -4.23
N THR A 59 -9.50 -10.53 -4.21
CA THR A 59 -10.22 -11.42 -5.10
C THR A 59 -10.54 -12.74 -4.40
N ILE A 60 -11.57 -13.41 -4.88
CA ILE A 60 -11.93 -14.73 -4.36
C ILE A 60 -11.45 -15.79 -5.35
N PHE A 61 -10.35 -16.44 -4.97
CA PHE A 61 -9.68 -17.41 -5.84
C PHE A 61 -9.90 -18.81 -5.28
N ASP A 62 -10.45 -19.70 -6.13
CA ASP A 62 -10.78 -21.07 -5.73
C ASP A 62 -11.65 -21.09 -4.45
N ASP A 63 -12.59 -20.15 -4.37
CA ASP A 63 -13.52 -19.98 -3.24
C ASP A 63 -12.87 -19.35 -1.98
N TYR A 64 -11.62 -18.89 -2.10
CA TYR A 64 -10.90 -18.33 -0.95
C TYR A 64 -10.53 -16.85 -1.16
N PRO A 65 -10.84 -15.99 -0.17
CA PRO A 65 -10.52 -14.57 -0.29
C PRO A 65 -9.06 -14.26 -0.01
N THR A 66 -8.45 -13.47 -0.90
CA THR A 66 -7.07 -13.01 -0.73
C THR A 66 -6.99 -11.53 -1.09
N PHE A 67 -6.21 -10.77 -0.32
CA PHE A 67 -6.26 -9.30 -0.37
C PHE A 67 -5.02 -8.62 -0.94
N ALA A 68 -5.25 -7.48 -1.57
CA ALA A 68 -4.17 -6.60 -2.05
C ALA A 68 -3.89 -5.51 -1.04
N ASP A 69 -4.95 -4.98 -0.44
CA ASP A 69 -4.87 -4.00 0.66
C ASP A 69 -6.22 -3.90 1.35
N GLY A 70 -6.19 -3.59 2.63
CA GLY A 70 -7.42 -3.50 3.41
C GLY A 70 -7.22 -3.02 4.83
N MET A 71 -8.31 -2.98 5.58
CA MET A 71 -8.27 -2.59 6.99
C MET A 71 -9.28 -3.43 7.78
N ASN A 72 -9.16 -3.39 9.10
CA ASN A 72 -10.18 -3.97 9.96
C ASN A 72 -10.97 -2.90 10.73
N GLU A 73 -11.97 -3.36 11.49
CA GLU A 73 -12.87 -2.49 12.26
C GLU A 73 -12.17 -1.71 13.38
N LYS A 74 -10.94 -2.13 13.72
CA LYS A 74 -10.19 -1.51 14.82
C LYS A 74 -9.25 -0.40 14.34
N GLY A 75 -9.19 -0.21 13.03
CA GLY A 75 -8.36 0.84 12.45
C GLY A 75 -6.96 0.39 12.09
N LEU A 76 -6.76 -0.93 11.99
CA LEU A 76 -5.50 -1.48 11.50
C LEU A 76 -5.57 -1.66 9.99
N GLY A 77 -4.55 -1.18 9.28
CA GLY A 77 -4.49 -1.30 7.84
C GLY A 77 -3.26 -2.06 7.36
N CYS A 78 -3.40 -2.74 6.23
CA CYS A 78 -2.29 -3.49 5.65
C CYS A 78 -2.37 -3.49 4.12
N ALA A 79 -1.22 -3.31 3.48
CA ALA A 79 -1.13 -3.37 2.02
C ALA A 79 0.03 -4.25 1.58
N GLY A 80 -0.23 -5.10 0.59
CA GLY A 80 0.79 -5.95 -0.01
C GLY A 80 1.27 -5.35 -1.31
N LEU A 81 2.59 -5.13 -1.40
CA LEU A 81 3.21 -4.49 -2.57
C LEU A 81 4.25 -5.44 -3.16
N ASN A 82 4.45 -5.34 -4.48
N ASN A 82 4.45 -5.34 -4.48
CA ASN A 82 5.41 -6.20 -5.19
CA ASN A 82 5.41 -6.21 -5.17
C ASN A 82 6.83 -6.08 -4.61
C ASN A 82 6.83 -6.07 -4.62
N PHE A 83 7.53 -7.20 -4.54
CA PHE A 83 8.86 -7.27 -3.95
C PHE A 83 9.65 -8.37 -4.66
N PRO A 84 9.94 -8.17 -5.97
CA PRO A 84 10.46 -9.23 -6.83
C PRO A 84 11.91 -9.62 -6.57
N VAL A 85 12.69 -8.67 -6.05
CA VAL A 85 14.10 -8.93 -5.77
C VAL A 85 14.35 -8.85 -4.27
N TYR A 86 15.21 -9.75 -3.79
CA TYR A 86 15.64 -9.84 -2.38
C TYR A 86 14.66 -10.59 -1.46
N VAL A 87 13.50 -10.96 -2.00
CA VAL A 87 12.51 -11.75 -1.26
C VAL A 87 12.93 -13.23 -1.19
N SER A 88 12.59 -13.89 -0.09
CA SER A 88 12.82 -15.32 0.07
C SER A 88 11.82 -15.94 1.05
N TYR A 89 10.97 -16.82 0.51
CA TYR A 89 10.03 -17.58 1.33
C TYR A 89 10.56 -18.99 1.55
N SER A 90 10.21 -19.59 2.67
CA SER A 90 10.50 -21.00 2.91
C SER A 90 9.60 -21.88 2.05
N LYS A 91 10.11 -23.04 1.64
CA LYS A 91 9.36 -23.96 0.79
C LYS A 91 8.27 -24.70 1.56
N GLU A 92 8.53 -24.91 2.85
CA GLU A 92 7.59 -25.59 3.74
C GLU A 92 7.57 -24.93 5.12
N ASP A 93 6.64 -25.36 5.98
CA ASP A 93 6.55 -24.86 7.35
C ASP A 93 7.86 -25.09 8.11
N ILE A 94 8.27 -24.08 8.88
CA ILE A 94 9.44 -24.20 9.75
C ILE A 94 8.97 -24.53 11.17
N GLU A 95 9.50 -25.62 11.72
CA GLU A 95 9.17 -26.09 13.07
C GLU A 95 9.43 -25.01 14.12
N GLY A 96 8.43 -24.77 14.97
CA GLY A 96 8.55 -23.82 16.06
C GLY A 96 8.16 -22.39 15.73
N LYS A 97 7.86 -22.15 14.45
CA LYS A 97 7.49 -20.82 13.97
C LYS A 97 5.98 -20.71 13.73
N THR A 98 5.48 -19.47 13.74
CA THR A 98 4.13 -19.18 13.27
C THR A 98 4.21 -19.05 11.75
N ASN A 99 3.80 -20.11 11.06
CA ASN A 99 3.91 -20.20 9.62
C ASN A 99 2.69 -19.65 8.89
N ILE A 100 2.91 -18.63 8.07
CA ILE A 100 1.84 -17.94 7.35
C ILE A 100 2.08 -18.03 5.84
N PRO A 101 1.14 -18.64 5.10
CA PRO A 101 1.24 -18.69 3.64
C PRO A 101 1.22 -17.29 3.05
N VAL A 102 2.00 -17.08 1.98
CA VAL A 102 2.13 -15.76 1.35
C VAL A 102 0.78 -15.12 1.01
N TYR A 103 -0.09 -15.90 0.36
CA TYR A 103 -1.41 -15.42 -0.07
C TYR A 103 -2.31 -15.01 1.09
N ASN A 104 -2.03 -15.52 2.29
CA ASN A 104 -2.89 -15.32 3.44
C ASN A 104 -2.37 -14.29 4.45
N PHE A 105 -1.17 -13.77 4.22
CA PHE A 105 -0.53 -12.87 5.20
C PHE A 105 -1.37 -11.63 5.52
N LEU A 106 -1.86 -10.95 4.48
CA LEU A 106 -2.63 -9.72 4.66
C LEU A 106 -3.88 -9.97 5.51
N LEU A 107 -4.64 -10.99 5.14
CA LEU A 107 -5.84 -11.37 5.89
C LEU A 107 -5.50 -11.82 7.32
N TRP A 108 -4.39 -12.52 7.49
CA TRP A 108 -3.92 -12.97 8.81
C TRP A 108 -3.68 -11.78 9.75
N VAL A 109 -3.10 -10.71 9.21
CA VAL A 109 -2.86 -9.49 9.98
C VAL A 109 -4.17 -8.84 10.40
N LEU A 110 -5.06 -8.62 9.42
CA LEU A 110 -6.29 -7.86 9.65
C LEU A 110 -7.33 -8.61 10.47
N ALA A 111 -7.42 -9.92 10.27
CA ALA A 111 -8.42 -10.74 10.95
C ALA A 111 -8.11 -10.93 12.43
N ASN A 112 -6.84 -10.86 12.81
CA ASN A 112 -6.40 -11.29 14.13
C ASN A 112 -6.01 -10.20 15.13
N PHE A 113 -5.53 -9.06 14.62
CA PHE A 113 -4.90 -8.05 15.47
C PHE A 113 -5.56 -6.67 15.36
N SER A 114 -5.45 -5.89 16.44
CA SER A 114 -6.11 -4.59 16.53
C SER A 114 -5.17 -3.40 16.38
N SER A 115 -3.86 -3.63 16.46
CA SER A 115 -2.87 -2.56 16.42
C SER A 115 -1.54 -3.00 15.82
N VAL A 116 -0.74 -2.02 15.43
CA VAL A 116 0.63 -2.26 14.94
C VAL A 116 1.47 -2.94 16.02
N GLU A 117 1.34 -2.48 17.27
CA GLU A 117 2.08 -3.08 18.38
C GLU A 117 1.77 -4.56 18.58
N GLU A 118 0.50 -4.94 18.45
N GLU A 118 0.50 -4.94 18.44
CA GLU A 118 0.07 -6.33 18.54
CA GLU A 118 0.09 -6.34 18.56
C GLU A 118 0.69 -7.19 17.43
C GLU A 118 0.67 -7.20 17.42
N VAL A 119 0.71 -6.62 16.21
CA VAL A 119 1.28 -7.29 15.04
C VAL A 119 2.79 -7.49 15.20
N LYS A 120 3.49 -6.44 15.64
CA LYS A 120 4.93 -6.50 15.88
C LYS A 120 5.32 -7.65 16.79
N GLU A 121 4.56 -7.83 17.87
CA GLU A 121 4.81 -8.91 18.81
C GLU A 121 4.60 -10.29 18.18
N ALA A 122 3.54 -10.41 17.39
CA ALA A 122 3.20 -11.67 16.72
C ALA A 122 4.17 -12.05 15.62
N LEU A 123 4.85 -11.06 15.04
CA LEU A 123 5.78 -11.29 13.94
C LEU A 123 7.18 -11.73 14.40
N LYS A 124 7.45 -11.57 15.69
CA LYS A 124 8.76 -11.95 16.25
C LYS A 124 9.12 -13.40 15.97
N ASN A 125 8.13 -14.28 16.05
CA ASN A 125 8.32 -15.71 15.79
C ASN A 125 7.62 -16.19 14.51
N ALA A 126 7.34 -15.26 13.60
CA ALA A 126 6.62 -15.59 12.36
C ALA A 126 7.54 -15.97 11.21
N ASN A 127 6.99 -16.74 10.27
CA ASN A 127 7.68 -17.14 9.05
C ASN A 127 6.68 -17.19 7.90
N ILE A 128 7.05 -16.60 6.77
CA ILE A 128 6.18 -16.60 5.59
C ILE A 128 6.57 -17.72 4.65
N VAL A 129 5.62 -18.60 4.36
CA VAL A 129 5.87 -19.83 3.60
C VAL A 129 5.20 -19.81 2.22
N ASP A 130 5.93 -20.29 1.22
CA ASP A 130 5.47 -20.29 -0.17
C ASP A 130 4.53 -21.47 -0.47
N ILE A 131 3.39 -21.50 0.22
CA ILE A 131 2.34 -22.49 -0.03
C ILE A 131 1.38 -21.93 -1.09
N PRO A 132 1.17 -22.68 -2.19
CA PRO A 132 0.24 -22.23 -3.22
C PRO A 132 -1.20 -22.13 -2.72
N ILE A 133 -1.91 -21.10 -3.17
CA ILE A 133 -3.33 -20.91 -2.84
C ILE A 133 -4.19 -22.03 -3.44
N SER A 134 -3.76 -22.51 -4.60
CA SER A 134 -4.39 -23.61 -5.31
C SER A 134 -3.38 -24.18 -6.30
N GLU A 135 -3.49 -25.49 -6.58
N GLU A 135 -3.50 -25.47 -6.62
CA GLU A 135 -2.58 -26.21 -7.48
CA GLU A 135 -2.59 -26.17 -7.54
C GLU A 135 -1.11 -26.09 -7.06
C GLU A 135 -1.14 -26.09 -7.07
N ASN A 136 -0.26 -25.68 -7.99
CA ASN A 136 1.17 -25.47 -7.71
C ASN A 136 1.58 -24.04 -8.05
N ILE A 137 0.57 -23.17 -8.16
CA ILE A 137 0.76 -21.77 -8.59
C ILE A 137 1.68 -21.01 -7.64
N PRO A 138 2.77 -20.44 -8.18
CA PRO A 138 3.68 -19.61 -7.40
C PRO A 138 2.96 -18.39 -6.82
N ASN A 139 3.26 -18.07 -5.57
CA ASN A 139 2.75 -16.86 -4.93
C ASN A 139 3.47 -15.64 -5.47
N THR A 140 2.73 -14.52 -5.52
CA THR A 140 3.30 -13.23 -5.89
C THR A 140 4.39 -12.85 -4.88
N THR A 141 5.49 -12.31 -5.39
CA THR A 141 6.58 -11.82 -4.54
C THR A 141 6.12 -10.52 -3.86
N LEU A 142 6.08 -10.52 -2.54
CA LEU A 142 5.45 -9.43 -1.79
C LEU A 142 6.22 -8.97 -0.57
N HIS A 143 6.07 -7.68 -0.26
CA HIS A 143 6.34 -7.16 1.08
C HIS A 143 5.15 -6.31 1.52
N TRP A 144 5.05 -6.05 2.82
CA TRP A 144 3.84 -5.44 3.37
C TRP A 144 4.11 -4.18 4.18
N MET A 145 3.20 -3.22 4.07
CA MET A 145 3.17 -2.07 4.96
C MET A 145 1.94 -2.18 5.86
N ILE A 146 2.14 -1.95 7.16
CA ILE A 146 1.08 -2.04 8.15
C ILE A 146 1.04 -0.72 8.94
N SER A 147 -0.16 -0.18 9.12
CA SER A 147 -0.34 1.12 9.76
C SER A 147 -1.65 1.15 10.53
N ASP A 148 -1.70 1.94 11.60
CA ASP A 148 -2.92 2.04 12.40
C ASP A 148 -3.27 3.48 12.83
N ILE A 149 -4.27 3.59 13.71
CA ILE A 149 -4.81 4.88 14.14
C ILE A 149 -3.89 5.66 15.12
N THR A 150 -2.77 5.05 15.50
CA THR A 150 -1.77 5.72 16.33
C THR A 150 -0.82 6.54 15.47
N GLY A 151 -0.86 6.29 14.16
CA GLY A 151 0.04 6.95 13.21
C GLY A 151 1.33 6.19 12.99
N LYS A 152 1.49 5.08 13.69
CA LYS A 152 2.68 4.24 13.56
C LYS A 152 2.57 3.32 12.34
N SER A 153 3.68 3.16 11.63
CA SER A 153 3.74 2.29 10.46
C SER A 153 4.94 1.36 10.54
N ILE A 154 4.76 0.12 10.06
CA ILE A 154 5.86 -0.84 9.95
C ILE A 154 5.94 -1.45 8.56
N VAL A 155 7.12 -1.97 8.21
CA VAL A 155 7.34 -2.64 6.93
C VAL A 155 7.83 -4.06 7.21
N VAL A 156 7.18 -5.03 6.55
CA VAL A 156 7.50 -6.45 6.75
C VAL A 156 8.12 -7.03 5.49
N GLU A 157 9.36 -7.49 5.60
CA GLU A 157 10.09 -8.07 4.48
C GLU A 157 10.81 -9.33 4.89
N GLN A 158 10.50 -10.45 4.22
CA GLN A 158 11.22 -11.69 4.49
C GLN A 158 12.30 -11.90 3.45
N THR A 159 13.55 -11.99 3.93
CA THR A 159 14.71 -12.25 3.08
C THR A 159 15.26 -13.64 3.39
N LYS A 160 16.37 -14.00 2.73
CA LYS A 160 17.03 -15.29 2.97
C LYS A 160 17.63 -15.38 4.37
N GLU A 161 17.82 -14.22 5.01
CA GLU A 161 18.37 -14.14 6.35
C GLU A 161 17.31 -14.36 7.42
N LYS A 162 16.26 -13.53 7.38
CA LYS A 162 15.21 -13.54 8.43
C LYS A 162 13.97 -12.75 8.00
N LEU A 163 12.93 -12.80 8.84
CA LEU A 163 11.75 -11.96 8.66
C LEU A 163 11.99 -10.60 9.32
N ASN A 164 12.25 -9.58 8.49
N ASN A 164 12.24 -9.58 8.49
CA ASN A 164 12.52 -8.24 8.98
CA ASN A 164 12.51 -8.24 8.97
C ASN A 164 11.26 -7.41 9.20
C ASN A 164 11.25 -7.43 9.21
N VAL A 165 11.20 -6.74 10.36
CA VAL A 165 10.11 -5.83 10.68
C VAL A 165 10.71 -4.47 10.99
N PHE A 166 10.56 -3.54 10.05
CA PHE A 166 11.14 -2.19 10.19
C PHE A 166 10.12 -1.19 10.72
N ASP A 167 10.57 -0.30 11.60
CA ASP A 167 9.79 0.89 11.93
C ASP A 167 9.86 1.83 10.74
N ASN A 168 8.71 2.26 10.25
CA ASN A 168 8.63 3.15 9.09
C ASN A 168 8.35 4.59 9.49
N ASN A 169 9.41 5.40 9.58
CA ASN A 169 9.30 6.81 9.93
C ASN A 169 9.25 7.72 8.71
N ILE A 170 9.15 7.10 7.53
CA ILE A 170 9.09 7.83 6.26
C ILE A 170 7.64 8.01 5.82
N GLY A 171 6.80 7.05 6.19
CA GLY A 171 5.37 7.08 5.86
C GLY A 171 5.06 6.56 4.47
N VAL A 172 6.06 5.95 3.83
CA VAL A 172 5.91 5.47 2.45
C VAL A 172 6.57 4.11 2.22
N LEU A 173 6.17 3.44 1.14
CA LEU A 173 6.81 2.21 0.69
C LEU A 173 6.60 2.07 -0.81
N THR A 174 7.58 1.50 -1.50
CA THR A 174 7.38 1.12 -2.90
C THR A 174 7.69 -0.37 -3.11
N ASN A 175 8.71 -0.66 -3.89
CA ASN A 175 9.08 -2.03 -4.21
C ASN A 175 10.57 -2.26 -3.93
N SER A 176 11.21 -3.17 -4.64
CA SER A 176 12.63 -3.50 -4.40
C SER A 176 13.56 -2.33 -4.71
N PRO A 177 14.72 -2.23 -4.01
CA PRO A 177 15.30 -3.13 -3.00
C PRO A 177 14.66 -3.06 -1.61
N THR A 178 15.36 -3.60 -0.62
CA THR A 178 14.87 -3.67 0.76
C THR A 178 14.64 -2.28 1.36
N PHE A 179 13.84 -2.23 2.42
CA PHE A 179 13.43 -0.96 3.02
C PHE A 179 14.61 -0.13 3.53
N ASP A 180 15.57 -0.81 4.17
CA ASP A 180 16.77 -0.13 4.67
C ASP A 180 17.60 0.50 3.55
N TRP A 181 17.55 -0.10 2.36
CA TRP A 181 18.24 0.46 1.19
C TRP A 181 17.63 1.81 0.80
N HIS A 182 16.30 1.87 0.74
CA HIS A 182 15.60 3.10 0.37
C HIS A 182 15.82 4.20 1.41
N VAL A 183 15.79 3.84 2.68
CA VAL A 183 16.02 4.80 3.76
C VAL A 183 17.41 5.42 3.66
N ALA A 184 18.41 4.61 3.33
CA ALA A 184 19.77 5.09 3.11
C ALA A 184 19.86 5.96 1.84
N ASN A 185 19.07 5.60 0.83
CA ASN A 185 19.03 6.35 -0.44
C ASN A 185 18.49 7.77 -0.25
N LEU A 186 17.61 7.96 0.72
CA LEU A 186 17.06 9.28 1.04
C LEU A 186 18.16 10.29 1.38
N ASN A 187 19.22 9.81 2.03
CA ASN A 187 20.35 10.64 2.43
C ASN A 187 21.08 11.33 1.28
N GLN A 188 20.95 10.79 0.07
N GLN A 188 20.93 10.78 0.07
CA GLN A 188 21.56 11.39 -1.11
CA GLN A 188 21.52 11.34 -1.13
C GLN A 188 20.87 12.68 -1.55
C GLN A 188 20.88 12.67 -1.52
N TYR A 189 19.66 12.90 -1.02
CA TYR A 189 18.84 14.04 -1.42
C TYR A 189 18.65 15.10 -0.34
N VAL A 190 19.57 15.15 0.62
CA VAL A 190 19.55 16.16 1.69
C VAL A 190 19.63 17.60 1.14
N GLY A 191 20.10 17.73 -0.10
CA GLY A 191 20.25 19.04 -0.74
C GLY A 191 19.01 19.58 -1.40
N LEU A 192 17.91 18.83 -1.36
CA LEU A 192 16.64 19.28 -1.94
C LEU A 192 16.01 20.40 -1.14
N ARG A 193 15.32 21.31 -1.83
CA ARG A 193 14.64 22.45 -1.20
C ARG A 193 13.27 22.68 -1.80
N TYR A 194 12.27 22.86 -0.94
CA TYR A 194 10.90 23.12 -1.41
C TYR A 194 10.73 24.60 -1.77
N ASN A 195 11.53 25.44 -1.12
CA ASN A 195 11.48 26.89 -1.35
C ASN A 195 12.20 27.27 -2.63
N GLN A 196 11.56 28.16 -3.40
CA GLN A 196 12.12 28.64 -4.66
C GLN A 196 13.50 29.26 -4.47
N VAL A 197 14.42 28.90 -5.37
CA VAL A 197 15.72 29.55 -5.46
C VAL A 197 15.65 30.50 -6.67
N PRO A 198 15.46 31.81 -6.41
CA PRO A 198 15.17 32.77 -7.48
C PRO A 198 16.38 33.18 -8.34
N GLU A 199 17.59 33.11 -7.77
CA GLU A 199 18.78 33.55 -8.48
C GLU A 199 20.06 32.86 -8.03
N PHE A 200 21.09 32.97 -8.86
CA PHE A 200 22.43 32.47 -8.58
C PHE A 200 23.41 33.41 -9.29
N LYS A 201 24.35 33.97 -8.54
CA LYS A 201 25.38 34.83 -9.12
C LYS A 201 26.55 33.98 -9.60
N LEU A 202 26.64 33.76 -10.91
CA LEU A 202 27.72 33.00 -11.50
C LEU A 202 28.81 33.95 -11.99
N GLY A 203 29.52 34.56 -11.04
CA GLY A 203 30.56 35.54 -11.34
C GLY A 203 30.01 36.74 -12.09
N ASP A 204 30.43 36.89 -13.34
CA ASP A 204 30.00 38.00 -14.20
C ASP A 204 28.64 37.76 -14.86
N GLN A 205 28.10 36.55 -14.66
CA GLN A 205 26.80 36.18 -15.22
C GLN A 205 25.75 36.02 -14.14
N SER A 206 24.65 36.75 -14.29
CA SER A 206 23.51 36.62 -13.40
C SER A 206 22.60 35.49 -13.90
N LEU A 207 22.37 34.50 -13.05
CA LEU A 207 21.44 33.42 -13.37
C LEU A 207 20.10 33.66 -12.66
N THR A 208 19.02 33.54 -13.40
CA THR A 208 17.68 33.78 -12.88
C THR A 208 16.78 32.56 -13.07
N ALA A 209 16.02 32.22 -12.04
CA ALA A 209 15.05 31.14 -12.12
C ALA A 209 14.06 31.43 -13.23
N LEU A 210 13.84 30.46 -14.10
CA LEU A 210 12.96 30.66 -15.26
C LEU A 210 11.52 30.25 -14.98
N GLY A 211 11.32 29.55 -13.86
CA GLY A 211 9.99 29.16 -13.39
C GLY A 211 10.07 28.63 -11.97
N GLN A 212 8.90 28.32 -11.41
CA GLN A 212 8.84 27.75 -10.06
C GLN A 212 9.38 26.33 -10.02
N GLY A 213 10.05 25.99 -8.92
CA GLY A 213 10.50 24.62 -8.66
C GLY A 213 12.00 24.37 -8.72
N THR A 214 12.79 25.43 -8.75
CA THR A 214 14.24 25.29 -8.92
C THR A 214 14.95 24.61 -7.76
N GLY A 215 14.32 24.61 -6.59
CA GLY A 215 14.90 23.98 -5.40
C GLY A 215 14.95 22.47 -5.45
N LEU A 216 14.05 21.87 -6.23
CA LEU A 216 13.95 20.41 -6.32
C LEU A 216 14.63 19.79 -7.54
N VAL A 217 15.34 20.60 -8.32
CA VAL A 217 16.10 20.10 -9.45
C VAL A 217 17.07 19.01 -8.97
N GLY A 218 17.04 17.86 -9.64
CA GLY A 218 17.78 16.67 -9.20
C GLY A 218 16.87 15.55 -8.72
N LEU A 219 15.61 15.88 -8.45
CA LEU A 219 14.61 14.87 -8.10
C LEU A 219 14.43 13.92 -9.28
N PRO A 220 14.51 12.60 -9.05
CA PRO A 220 14.37 11.64 -10.15
C PRO A 220 12.93 11.53 -10.65
N GLY A 221 12.75 11.49 -11.97
CA GLY A 221 11.42 11.55 -12.58
C GLY A 221 10.89 10.30 -13.23
N ASP A 222 11.66 9.21 -13.20
CA ASP A 222 11.24 7.96 -13.80
C ASP A 222 10.30 7.18 -12.88
N PHE A 223 9.92 5.98 -13.31
CA PHE A 223 8.90 5.20 -12.61
C PHE A 223 9.45 3.96 -11.89
N THR A 224 10.77 3.87 -11.73
CA THR A 224 11.36 2.79 -10.95
C THR A 224 10.96 2.91 -9.48
N PRO A 225 10.94 1.79 -8.75
CA PRO A 225 10.60 1.82 -7.33
C PRO A 225 11.45 2.80 -6.51
N ALA A 226 12.75 2.84 -6.75
CA ALA A 226 13.64 3.74 -6.01
C ALA A 226 13.31 5.21 -6.25
N SER A 227 13.09 5.58 -7.50
CA SER A 227 12.75 6.95 -7.86
C SER A 227 11.40 7.37 -7.30
N ARG A 228 10.42 6.48 -7.36
CA ARG A 228 9.09 6.74 -6.80
C ARG A 228 9.14 6.90 -5.29
N PHE A 229 9.96 6.10 -4.62
CA PHE A 229 10.15 6.19 -3.17
C PHE A 229 10.64 7.59 -2.78
N ILE A 230 11.67 8.07 -3.49
CA ILE A 230 12.21 9.40 -3.23
C ILE A 230 11.14 10.47 -3.39
N ARG A 231 10.42 10.44 -4.51
CA ARG A 231 9.40 11.45 -4.80
C ARG A 231 8.29 11.48 -3.75
N VAL A 232 7.70 10.34 -3.43
CA VAL A 232 6.60 10.28 -2.46
C VAL A 232 7.07 10.69 -1.05
N ALA A 233 8.29 10.30 -0.69
CA ALA A 233 8.85 10.65 0.62
C ALA A 233 8.95 12.17 0.81
N PHE A 234 9.47 12.87 -0.20
CA PHE A 234 9.65 14.31 -0.11
C PHE A 234 8.37 15.11 -0.34
N LEU A 235 7.50 14.64 -1.23
CA LEU A 235 6.19 15.28 -1.44
C LEU A 235 5.35 15.23 -0.16
N ARG A 236 5.40 14.09 0.52
CA ARG A 236 4.71 13.92 1.81
C ARG A 236 5.30 14.84 2.87
N ASP A 237 6.63 14.84 2.98
CA ASP A 237 7.33 15.68 3.96
C ASP A 237 7.00 17.16 3.77
N ALA A 238 7.00 17.62 2.52
CA ALA A 238 6.74 19.02 2.20
C ALA A 238 5.33 19.45 2.61
N MET A 239 4.36 18.57 2.38
CA MET A 239 2.97 18.89 2.72
C MET A 239 2.77 18.98 4.23
N ILE A 240 3.41 18.07 4.98
CA ILE A 240 3.30 18.07 6.44
C ILE A 240 3.99 19.30 7.03
N LYS A 241 5.17 19.64 6.50
CA LYS A 241 5.92 20.80 6.95
C LYS A 241 5.20 22.12 6.71
N ASN A 242 4.67 22.30 5.50
CA ASN A 242 4.13 23.59 5.09
C ASN A 242 2.61 23.72 5.13
N ASP A 243 1.90 22.59 5.12
CA ASP A 243 0.45 22.61 4.99
C ASP A 243 -0.25 21.53 5.82
N LYS A 244 0.24 21.30 7.03
CA LYS A 244 -0.33 20.31 7.96
C LYS A 244 -1.83 20.56 8.18
N ASP A 245 -2.20 21.83 8.33
CA ASP A 245 -3.59 22.23 8.60
C ASP A 245 -4.50 22.19 7.37
N SER A 246 -3.95 21.77 6.23
CA SER A 246 -4.72 21.70 4.98
C SER A 246 -4.92 20.26 4.49
N ILE A 247 -4.27 19.30 5.16
CA ILE A 247 -4.30 17.91 4.71
C ILE A 247 -5.70 17.29 4.87
N ASP A 248 -6.26 16.88 3.75
CA ASP A 248 -7.53 16.16 3.71
C ASP A 248 -7.48 15.05 2.66
N LEU A 249 -8.62 14.40 2.42
CA LEU A 249 -8.70 13.22 1.55
C LEU A 249 -8.04 13.42 0.17
N ILE A 250 -8.35 14.52 -0.50
CA ILE A 250 -7.87 14.74 -1.87
C ILE A 250 -6.34 14.89 -1.95
N GLU A 251 -5.73 15.40 -0.88
CA GLU A 251 -4.28 15.58 -0.83
C GLU A 251 -3.53 14.26 -0.97
N PHE A 252 -4.10 13.20 -0.37
CA PHE A 252 -3.58 11.85 -0.47
C PHE A 252 -3.45 11.43 -1.94
N PHE A 253 -4.50 11.71 -2.71
CA PHE A 253 -4.52 11.37 -4.14
C PHE A 253 -3.56 12.21 -4.96
N HIS A 254 -3.42 13.49 -4.60
CA HIS A 254 -2.46 14.36 -5.27
C HIS A 254 -1.02 13.86 -5.14
N ILE A 255 -0.67 13.39 -3.94
CA ILE A 255 0.66 12.83 -3.70
C ILE A 255 0.89 11.59 -4.55
N LEU A 256 -0.05 10.63 -4.50
CA LEU A 256 0.11 9.39 -5.25
C LEU A 256 0.02 9.54 -6.76
N ASN A 257 -0.73 10.54 -7.23
CA ASN A 257 -0.81 10.85 -8.67
C ASN A 257 0.57 11.11 -9.28
N ASN A 258 1.45 11.72 -8.49
CA ASN A 258 2.80 12.07 -8.96
C ASN A 258 3.66 10.86 -9.30
N VAL A 259 3.38 9.73 -8.66
CA VAL A 259 4.13 8.49 -8.88
C VAL A 259 3.31 7.43 -9.62
N ALA A 260 2.16 7.83 -10.16
CA ALA A 260 1.29 6.94 -10.90
C ALA A 260 1.85 6.65 -12.30
N MET A 261 1.74 5.39 -12.73
CA MET A 261 2.18 4.99 -14.07
C MET A 261 1.12 5.33 -15.12
N VAL A 262 1.59 5.75 -16.29
CA VAL A 262 0.74 6.23 -17.38
C VAL A 262 0.87 5.29 -18.58
N ARG A 263 -0.27 4.95 -19.20
CA ARG A 263 -0.30 4.00 -20.33
C ARG A 263 0.71 4.34 -21.42
N GLY A 264 1.52 3.34 -21.80
CA GLY A 264 2.45 3.47 -22.92
C GLY A 264 3.91 3.64 -22.57
N SER A 265 4.20 4.26 -21.43
CA SER A 265 5.57 4.67 -21.09
C SER A 265 6.34 3.74 -20.16
N THR A 266 5.62 2.85 -19.49
CA THR A 266 6.25 1.80 -18.68
C THR A 266 5.90 0.44 -19.26
N ARG A 267 6.68 0.03 -20.27
CA ARG A 267 6.42 -1.20 -21.00
C ARG A 267 7.23 -2.37 -20.45
N THR A 268 6.54 -3.47 -20.14
CA THR A 268 7.18 -4.68 -19.66
C THR A 268 7.88 -5.39 -20.82
N VAL A 269 8.72 -6.39 -20.50
CA VAL A 269 9.40 -7.19 -21.53
C VAL A 269 8.41 -7.99 -22.40
N GLU A 270 7.21 -8.21 -21.88
CA GLU A 270 6.14 -8.88 -22.61
C GLU A 270 5.33 -7.89 -23.46
N GLU A 271 5.80 -6.64 -23.52
CA GLU A 271 5.20 -5.57 -24.33
C GLU A 271 3.76 -5.23 -23.90
N LYS A 272 3.58 -5.09 -22.59
CA LYS A 272 2.33 -4.63 -22.01
C LYS A 272 2.58 -3.36 -21.20
N SER A 273 1.59 -2.48 -21.16
CA SER A 273 1.69 -1.24 -20.40
C SER A 273 1.38 -1.46 -18.92
N ASP A 274 2.37 -1.17 -18.08
CA ASP A 274 2.19 -1.18 -16.64
C ASP A 274 1.46 0.10 -16.24
N LEU A 275 0.36 -0.05 -15.50
CA LEU A 275 -0.50 1.08 -15.13
C LEU A 275 -0.74 1.13 -13.64
N THR A 276 -0.99 2.33 -13.12
CA THR A 276 -1.62 2.47 -11.80
C THR A 276 -3.09 2.15 -12.02
N GLN A 277 -3.45 0.89 -11.76
N GLN A 277 -3.46 0.89 -11.76
CA GLN A 277 -4.81 0.39 -12.02
CA GLN A 277 -4.82 0.40 -12.02
C GLN A 277 -5.84 1.04 -11.10
C GLN A 277 -5.84 1.04 -11.10
N TYR A 278 -5.47 1.21 -9.83
CA TYR A 278 -6.31 1.89 -8.85
C TYR A 278 -5.50 2.57 -7.76
N THR A 279 -6.13 3.53 -7.09
CA THR A 279 -5.56 4.21 -5.95
C THR A 279 -6.55 4.13 -4.81
N SER A 280 -6.14 3.50 -3.70
CA SER A 280 -7.00 3.35 -2.54
C SER A 280 -6.51 4.22 -1.39
N CYS A 281 -7.47 4.70 -0.59
CA CYS A 281 -7.18 5.49 0.59
C CYS A 281 -8.19 5.13 1.67
N MET A 282 -7.69 4.54 2.74
CA MET A 282 -8.53 4.11 3.85
C MET A 282 -8.47 5.11 4.99
N CYS A 283 -9.63 5.61 5.41
CA CYS A 283 -9.70 6.40 6.63
C CYS A 283 -9.88 5.42 7.78
N LEU A 284 -8.78 5.17 8.49
CA LEU A 284 -8.71 4.07 9.46
C LEU A 284 -9.69 4.21 10.64
N GLU A 285 -9.84 5.42 11.17
CA GLU A 285 -10.78 5.67 12.27
C GLU A 285 -12.23 5.41 11.87
N LYS A 286 -12.58 5.83 10.66
CA LYS A 286 -13.97 5.80 10.18
C LYS A 286 -14.35 4.49 9.51
N GLY A 287 -13.34 3.70 9.12
CA GLY A 287 -13.57 2.43 8.44
C GLY A 287 -14.12 2.58 7.04
N ILE A 288 -13.77 3.69 6.39
CA ILE A 288 -14.21 3.96 5.01
C ILE A 288 -13.08 3.69 4.03
N TYR A 289 -13.36 2.83 3.06
CA TYR A 289 -12.44 2.51 1.98
C TYR A 289 -12.77 3.39 0.78
N TYR A 290 -11.89 4.35 0.50
CA TYR A 290 -12.01 5.20 -0.69
C TYR A 290 -11.09 4.69 -1.79
N TYR A 291 -11.56 4.75 -3.03
CA TYR A 291 -10.71 4.39 -4.16
C TYR A 291 -11.19 4.99 -5.48
N ASN A 292 -10.27 5.19 -6.40
CA ASN A 292 -10.62 5.40 -7.80
C ASN A 292 -9.79 4.47 -8.69
N THR A 293 -10.04 4.50 -9.99
CA THR A 293 -9.37 3.58 -10.90
C THR A 293 -8.77 4.32 -12.10
N TYR A 294 -7.95 3.62 -12.88
CA TYR A 294 -7.37 4.19 -14.10
C TYR A 294 -8.46 4.68 -15.05
N GLU A 295 -9.53 3.89 -15.15
CA GLU A 295 -10.64 4.17 -16.06
C GLU A 295 -11.59 5.24 -15.52
N ASN A 296 -11.84 5.21 -14.20
CA ASN A 296 -12.74 6.15 -13.56
C ASN A 296 -12.09 6.86 -12.37
N ASN A 297 -11.78 8.14 -12.54
CA ASN A 297 -11.07 8.89 -11.52
C ASN A 297 -11.94 9.43 -10.37
N GLN A 298 -13.27 9.33 -10.49
CA GLN A 298 -14.12 9.70 -9.36
C GLN A 298 -13.89 8.75 -8.19
N ILE A 299 -13.70 9.32 -7.01
CA ILE A 299 -13.50 8.57 -5.78
C ILE A 299 -14.81 7.91 -5.34
N ASN A 300 -14.73 6.59 -5.11
CA ASN A 300 -15.85 5.82 -4.59
C ASN A 300 -15.60 5.46 -3.12
N ALA A 301 -16.66 5.43 -2.32
CA ALA A 301 -16.55 5.16 -0.89
C ALA A 301 -17.39 3.98 -0.45
N ILE A 302 -16.77 3.06 0.28
CA ILE A 302 -17.46 1.94 0.92
C ILE A 302 -17.16 2.00 2.41
N ASP A 303 -18.21 2.15 3.21
CA ASP A 303 -18.11 2.27 4.66
C ASP A 303 -18.43 0.93 5.30
N MET A 304 -17.41 0.31 5.90
CA MET A 304 -17.58 -1.01 6.53
C MET A 304 -18.53 -0.97 7.72
N ASN A 305 -18.60 0.18 8.37
CA ASN A 305 -19.45 0.35 9.57
C ASN A 305 -20.94 0.45 9.26
N LYS A 306 -21.27 0.61 7.97
CA LYS A 306 -22.66 0.57 7.52
C LYS A 306 -23.13 -0.87 7.34
N GLU A 307 -22.18 -1.78 7.15
CA GLU A 307 -22.48 -3.21 7.02
C GLU A 307 -22.66 -3.87 8.39
N ASN A 308 -23.25 -5.06 8.40
CA ASN A 308 -23.38 -5.83 9.63
C ASN A 308 -22.06 -6.53 9.96
N LEU A 309 -21.37 -6.04 10.98
CA LEU A 309 -20.11 -6.64 11.42
C LEU A 309 -20.36 -8.02 12.05
N ASP A 310 -21.58 -8.26 12.49
CA ASP A 310 -22.00 -9.57 13.03
C ASP A 310 -22.73 -10.41 11.98
N GLY A 311 -22.52 -10.10 10.70
CA GLY A 311 -23.13 -10.82 9.59
C GLY A 311 -22.60 -12.24 9.42
N ASN A 312 -23.20 -12.98 8.48
CA ASN A 312 -22.85 -14.39 8.28
C ASN A 312 -22.28 -14.73 6.90
N GLU A 313 -22.12 -13.71 6.06
CA GLU A 313 -21.67 -13.90 4.68
C GLU A 313 -20.62 -12.88 4.26
N ILE A 314 -19.75 -13.27 3.35
CA ILE A 314 -18.89 -12.34 2.65
C ILE A 314 -19.75 -11.49 1.72
N LYS A 315 -19.50 -10.17 1.72
CA LYS A 315 -20.16 -9.23 0.83
C LYS A 315 -19.13 -8.58 -0.08
N THR A 316 -19.41 -8.56 -1.38
CA THR A 316 -18.51 -7.91 -2.33
C THR A 316 -19.18 -6.72 -3.02
N TYR A 317 -18.37 -5.73 -3.39
CA TYR A 317 -18.81 -4.58 -4.17
C TYR A 317 -18.01 -4.48 -5.47
N LYS A 318 -18.70 -4.15 -6.56
CA LYS A 318 -18.11 -4.15 -7.90
C LYS A 318 -17.06 -3.07 -8.11
N TYR A 319 -15.91 -3.49 -8.64
CA TYR A 319 -14.79 -2.62 -9.01
C TYR A 319 -15.24 -1.65 -10.11
N ASN A 320 -15.18 -0.36 -9.82
CA ASN A 320 -15.72 0.66 -10.72
C ASN A 320 -14.72 1.16 -11.75
N LYS A 321 -14.86 0.70 -12.99
CA LYS A 321 -13.99 1.13 -14.08
C LYS A 321 -14.78 1.79 -15.22
N THR A 322 -15.86 2.48 -14.86
CA THR A 322 -16.67 3.22 -15.82
C THR A 322 -16.64 4.70 -15.43
N LEU A 323 -16.04 5.52 -16.30
CA LEU A 323 -15.82 6.94 -16.01
C LEU A 323 -17.12 7.65 -15.63
N SER A 324 -17.10 8.32 -14.48
CA SER A 324 -18.25 9.06 -13.98
C SER A 324 -18.03 10.56 -14.14
N ILE A 325 -18.82 11.15 -15.04
CA ILE A 325 -18.72 12.58 -15.37
C ILE A 325 -19.94 13.32 -14.83
N ASN A 326 -19.70 14.49 -14.25
CA ASN A 326 -20.77 15.39 -13.84
C ASN A 326 -21.14 16.31 -14.99
N HIS A 327 -22.30 16.05 -15.61
CA HIS A 327 -22.77 16.87 -16.71
C HIS A 327 -23.52 18.08 -16.18
N VAL A 328 -22.93 19.25 -16.39
CA VAL A 328 -23.35 20.50 -15.76
C VAL A 328 -24.53 21.15 -16.49
N ASN A 329 -24.55 21.03 -17.82
CA ASN A 329 -25.59 21.66 -18.62
C ASN A 329 -26.21 20.72 -19.64
#